data_8U05
#
_entry.id   8U05
#
_cell.length_a   44.740
_cell.length_b   111.310
_cell.length_c   72.040
_cell.angle_alpha   90.000
_cell.angle_beta   107.040
_cell.angle_gamma   90.000
#
_symmetry.space_group_name_H-M   'P 1 21 1'
#
loop_
_entity.id
_entity.type
_entity.pdbx_description
1 polymer RedE
2 non-polymer 'NADP NICOTINAMIDE-ADENINE-DINUCLEOTIDE PHOSPHATE'
3 non-polymer 1,2-ETHANEDIOL
4 non-polymer 'IODIDE ION'
5 non-polymer 'CHLORIDE ION'
6 non-polymer GLYCEROL
7 non-polymer BETA-MERCAPTOETHANOL
8 water water
#
_entity_poly.entity_id   1
_entity_poly.type   'polypeptide(L)'
_entity_poly.pdbx_seq_one_letter_code
;MGSSHHHHHHSSGLVPRGSHMGAKVTVLGLGPMGAALAGAFLAAGHRTTVWNRTPGKGGSLAGEGATEVASAAEAVAASP
LVVVCLATYEAVHEVLDPLADELAGRTVVNLTSGSPVHARETANWAQQHGAEYLDGVIMTTPSGIGKPDYLLLYSGSQAA
FDGSRGTL(CME)ALGEPMNLGTDAAMASVYDTALLGLMWGTLTGWLHGVALMGADGPGGNVTATAFTEVANRWMKTVGV
FMNTYAPHVDAGHYPGDEFTLHLHHRTMNILAHASELRGVVSGLPELLTELTGRAITAGHGNDSYARLVEFIRKDGSPI
;
_entity_poly.pdbx_strand_id   A,B
#
loop_
_chem_comp.id
_chem_comp.type
_chem_comp.name
_chem_comp.formula
BME non-polymer BETA-MERCAPTOETHANOL 'C2 H6 O S'
CL non-polymer 'CHLORIDE ION' 'Cl -1'
EDO non-polymer 1,2-ETHANEDIOL 'C2 H6 O2'
GOL non-polymer GLYCEROL 'C3 H8 O3'
IOD non-polymer 'IODIDE ION' 'I -1'
NAP non-polymer 'NADP NICOTINAMIDE-ADENINE-DINUCLEOTIDE PHOSPHATE' 'C21 H28 N7 O17 P3'
#
# COMPACT_ATOMS: atom_id res chain seq x y z
N GLY A 22 1.40 -23.18 -28.17
CA GLY A 22 0.83 -23.87 -29.32
C GLY A 22 -0.40 -24.68 -28.97
N ALA A 23 -0.82 -24.57 -27.71
CA ALA A 23 -1.98 -25.31 -27.25
C ALA A 23 -3.27 -24.73 -27.84
N LYS A 24 -4.28 -25.57 -27.93
CA LYS A 24 -5.59 -25.13 -28.43
C LYS A 24 -6.39 -24.54 -27.28
N VAL A 25 -6.88 -23.31 -27.46
CA VAL A 25 -7.67 -22.64 -26.44
C VAL A 25 -8.83 -21.93 -27.13
N THR A 26 -10.00 -21.97 -26.50
CA THR A 26 -11.19 -21.29 -26.98
C THR A 26 -11.52 -20.16 -26.02
N VAL A 27 -11.92 -19.01 -26.57
CA VAL A 27 -12.46 -17.91 -25.78
C VAL A 27 -13.92 -17.71 -26.17
N LEU A 28 -14.81 -17.75 -25.20
CA LEU A 28 -16.22 -17.39 -25.38
C LEU A 28 -16.43 -15.99 -24.81
N GLY A 29 -16.82 -15.06 -25.68
CA GLY A 29 -17.04 -13.68 -25.27
C GLY A 29 -15.98 -12.75 -25.82
N LEU A 30 -16.38 -11.82 -26.69
CA LEU A 30 -15.46 -10.89 -27.32
C LEU A 30 -15.84 -9.45 -26.99
N GLY A 31 -16.34 -9.22 -25.78
CA GLY A 31 -16.40 -7.88 -25.23
C GLY A 31 -14.99 -7.36 -25.04
N PRO A 32 -14.85 -6.14 -24.51
CA PRO A 32 -13.51 -5.58 -24.36
C PRO A 32 -12.54 -6.52 -23.64
N MET A 33 -12.97 -7.15 -22.56
CA MET A 33 -12.03 -7.99 -21.84
C MET A 33 -11.79 -9.32 -22.55
N GLY A 34 -12.87 -9.97 -23.04
CA GLY A 34 -12.68 -11.25 -23.70
C GLY A 34 -11.85 -11.14 -24.96
N ALA A 35 -12.02 -10.04 -25.72
CA ALA A 35 -11.17 -9.81 -26.89
C ALA A 35 -9.70 -9.65 -26.48
N ALA A 36 -9.45 -8.97 -25.35
CA ALA A 36 -8.09 -8.84 -24.87
C ALA A 36 -7.51 -10.19 -24.46
N LEU A 37 -8.31 -11.06 -23.83
CA LEU A 37 -7.81 -12.39 -23.51
C LEU A 37 -7.44 -13.15 -24.78
N ALA A 38 -8.36 -13.15 -25.75
CA ALA A 38 -8.07 -13.80 -27.03
C ALA A 38 -6.78 -13.25 -27.65
N GLY A 39 -6.60 -11.93 -27.62
CA GLY A 39 -5.40 -11.34 -28.19
C GLY A 39 -4.14 -11.80 -27.49
N ALA A 40 -4.20 -11.94 -26.15
CA ALA A 40 -3.02 -12.36 -25.42
C ALA A 40 -2.70 -13.83 -25.70
N PHE A 41 -3.73 -14.67 -25.83
CA PHE A 41 -3.49 -16.06 -26.21
C PHE A 41 -2.80 -16.13 -27.58
N LEU A 42 -3.26 -15.31 -28.54
CA LEU A 42 -2.61 -15.29 -29.84
C LEU A 42 -1.16 -14.83 -29.75
N ALA A 43 -0.88 -13.82 -28.94
CA ALA A 43 0.47 -13.29 -28.81
C ALA A 43 1.43 -14.29 -28.18
N ALA A 44 0.91 -15.26 -27.43
CA ALA A 44 1.75 -16.33 -26.90
C ALA A 44 1.87 -17.52 -27.84
N GLY A 45 1.24 -17.49 -29.01
CA GLY A 45 1.38 -18.57 -29.97
C GLY A 45 0.33 -19.67 -29.88
N HIS A 46 -0.70 -19.49 -29.06
CA HIS A 46 -1.67 -20.57 -28.94
C HIS A 46 -2.67 -20.56 -30.09
N ARG A 47 -3.14 -21.76 -30.43
CA ARG A 47 -4.11 -21.93 -31.51
C ARG A 47 -5.47 -21.54 -30.96
N THR A 48 -5.93 -20.35 -31.30
CA THR A 48 -6.99 -19.68 -30.58
C THR A 48 -8.27 -19.66 -31.41
N THR A 49 -9.33 -20.24 -30.87
CA THR A 49 -10.67 -20.21 -31.46
C THR A 49 -11.54 -19.28 -30.65
N VAL A 50 -12.30 -18.41 -31.32
CA VAL A 50 -13.11 -17.44 -30.60
C VAL A 50 -14.55 -17.50 -31.07
N TRP A 51 -15.45 -17.14 -30.15
CA TRP A 51 -16.87 -17.03 -30.46
C TRP A 51 -17.47 -15.91 -29.63
N ASN A 52 -18.47 -15.25 -30.19
CA ASN A 52 -19.24 -14.23 -29.50
C ASN A 52 -20.69 -14.34 -29.94
N ARG A 53 -21.61 -14.02 -29.03
CA ARG A 53 -23.03 -14.09 -29.37
C ARG A 53 -23.35 -13.20 -30.58
N THR A 54 -22.90 -11.95 -30.54
CA THR A 54 -23.16 -11.01 -31.62
C THR A 54 -22.09 -11.13 -32.70
N PRO A 55 -22.44 -11.39 -33.94
CA PRO A 55 -21.44 -11.44 -35.01
C PRO A 55 -20.73 -10.11 -35.19
N GLY A 56 -19.55 -10.18 -35.79
CA GLY A 56 -18.85 -8.98 -36.22
C GLY A 56 -17.90 -8.35 -35.22
N LYS A 57 -17.51 -9.05 -34.16
CA LYS A 57 -16.58 -8.51 -33.18
C LYS A 57 -15.23 -9.23 -33.19
N GLY A 58 -15.00 -10.10 -34.18
CA GLY A 58 -13.79 -10.91 -34.26
C GLY A 58 -12.86 -10.65 -35.43
N GLY A 59 -13.04 -9.55 -36.17
CA GLY A 59 -12.24 -9.35 -37.37
C GLY A 59 -10.78 -9.06 -37.07
N SER A 60 -10.52 -8.22 -36.07
CA SER A 60 -9.13 -7.91 -35.71
C SER A 60 -8.41 -9.15 -35.22
N LEU A 61 -9.08 -9.95 -34.39
CA LEU A 61 -8.51 -11.19 -33.89
C LEU A 61 -8.21 -12.17 -35.01
N ALA A 62 -9.14 -12.31 -35.97
CA ALA A 62 -8.91 -13.20 -37.11
C ALA A 62 -7.70 -12.75 -37.91
N GLY A 63 -7.51 -11.43 -38.04
CA GLY A 63 -6.34 -10.92 -38.71
C GLY A 63 -5.04 -11.24 -37.99
N GLU A 64 -5.11 -11.49 -36.69
CA GLU A 64 -3.95 -11.87 -35.89
C GLU A 64 -3.84 -13.39 -35.75
N GLY A 65 -4.65 -14.15 -36.47
CA GLY A 65 -4.53 -15.59 -36.50
C GLY A 65 -5.58 -16.37 -35.75
N ALA A 66 -6.58 -15.71 -35.17
CA ALA A 66 -7.61 -16.50 -34.50
C ALA A 66 -8.56 -17.09 -35.54
N THR A 67 -9.21 -18.19 -35.14
CA THR A 67 -10.27 -18.79 -35.94
C THR A 67 -11.60 -18.43 -35.28
N GLU A 68 -12.40 -17.60 -35.94
CA GLU A 68 -13.71 -17.28 -35.41
C GLU A 68 -14.73 -18.28 -35.94
N VAL A 69 -15.58 -18.79 -35.05
CA VAL A 69 -16.60 -19.74 -35.43
C VAL A 69 -17.96 -19.18 -35.08
N ALA A 70 -18.98 -19.68 -35.79
CA ALA A 70 -20.31 -19.09 -35.74
C ALA A 70 -21.09 -19.50 -34.51
N SER A 71 -20.80 -20.66 -33.92
CA SER A 71 -21.57 -21.15 -32.79
C SER A 71 -20.68 -21.47 -31.60
N ALA A 72 -21.26 -21.32 -30.41
CA ALA A 72 -20.54 -21.72 -29.20
C ALA A 72 -20.26 -23.22 -29.19
N ALA A 73 -21.15 -24.03 -29.78
CA ALA A 73 -20.90 -25.46 -29.85
C ALA A 73 -19.64 -25.77 -30.67
N GLU A 74 -19.45 -25.10 -31.80
CA GLU A 74 -18.22 -25.28 -32.56
C GLU A 74 -17.01 -24.83 -31.76
N ALA A 75 -17.14 -23.72 -31.04
CA ALA A 75 -16.01 -23.19 -30.30
C ALA A 75 -15.61 -24.12 -29.17
N VAL A 76 -16.60 -24.66 -28.43
CA VAL A 76 -16.30 -25.59 -27.34
C VAL A 76 -15.65 -26.86 -27.89
N ALA A 77 -16.14 -27.36 -29.03
CA ALA A 77 -15.57 -28.58 -29.60
C ALA A 77 -14.14 -28.39 -30.09
N ALA A 78 -13.72 -27.14 -30.29
CA ALA A 78 -12.44 -26.85 -30.94
C ALA A 78 -11.25 -27.06 -30.02
N SER A 79 -11.44 -26.93 -28.71
CA SER A 79 -10.32 -26.87 -27.78
C SER A 79 -10.64 -27.61 -26.49
N PRO A 80 -9.64 -28.23 -25.87
CA PRO A 80 -9.86 -28.85 -24.56
C PRO A 80 -9.96 -27.83 -23.44
N LEU A 81 -9.49 -26.60 -23.66
CA LEU A 81 -9.51 -25.52 -22.70
C LEU A 81 -10.45 -24.43 -23.22
N VAL A 82 -11.50 -24.15 -22.46
CA VAL A 82 -12.54 -23.19 -22.83
C VAL A 82 -12.49 -22.08 -21.80
N VAL A 83 -12.09 -20.88 -22.23
CA VAL A 83 -12.01 -19.71 -21.36
C VAL A 83 -13.25 -18.86 -21.62
N VAL A 84 -13.99 -18.55 -20.56
CA VAL A 84 -15.26 -17.85 -20.68
C VAL A 84 -15.12 -16.47 -20.06
N CYS A 85 -15.62 -15.46 -20.75
CA CYS A 85 -15.52 -14.10 -20.21
C CYS A 85 -16.72 -13.32 -20.73
N LEU A 86 -17.83 -13.42 -20.01
CA LEU A 86 -19.10 -12.86 -20.40
C LEU A 86 -19.54 -11.85 -19.35
N ALA A 87 -20.66 -11.17 -19.62
CA ALA A 87 -21.06 -10.06 -18.75
C ALA A 87 -21.52 -10.56 -17.38
N THR A 88 -22.19 -11.71 -17.34
CA THR A 88 -22.80 -12.20 -16.10
C THR A 88 -22.69 -13.72 -16.03
N TYR A 89 -22.89 -14.27 -14.83
CA TYR A 89 -22.95 -15.72 -14.71
C TYR A 89 -24.23 -16.29 -15.33
N GLU A 90 -25.31 -15.50 -15.31
CA GLU A 90 -26.51 -15.93 -16.04
C GLU A 90 -26.17 -16.17 -17.51
N ALA A 91 -25.37 -15.28 -18.11
CA ALA A 91 -24.98 -15.45 -19.51
C ALA A 91 -24.12 -16.70 -19.70
N VAL A 92 -23.24 -16.99 -18.74
CA VAL A 92 -22.42 -18.20 -18.83
C VAL A 92 -23.30 -19.44 -18.94
N HIS A 93 -24.34 -19.54 -18.12
CA HIS A 93 -25.17 -20.73 -18.21
C HIS A 93 -26.07 -20.72 -19.43
N GLU A 94 -26.50 -19.53 -19.87
CA GLU A 94 -27.28 -19.45 -21.10
C GLU A 94 -26.49 -20.01 -22.26
N VAL A 95 -25.18 -19.75 -22.28
CA VAL A 95 -24.32 -20.22 -23.36
C VAL A 95 -23.93 -21.68 -23.15
N LEU A 96 -23.58 -22.06 -21.93
CA LEU A 96 -22.97 -23.37 -21.71
C LEU A 96 -23.96 -24.49 -21.34
N ASP A 97 -25.09 -24.17 -20.70
CA ASP A 97 -25.98 -25.26 -20.32
C ASP A 97 -26.52 -26.08 -21.49
N PRO A 98 -26.82 -25.49 -22.67
CA PRO A 98 -27.19 -26.34 -23.81
C PRO A 98 -26.07 -27.23 -24.31
N LEU A 99 -24.82 -26.97 -23.88
CA LEU A 99 -23.66 -27.71 -24.32
C LEU A 99 -23.14 -28.64 -23.23
N ALA A 100 -23.98 -28.96 -22.24
CA ALA A 100 -23.54 -29.72 -21.07
C ALA A 100 -22.88 -31.03 -21.44
N ASP A 101 -23.50 -31.78 -22.36
CA ASP A 101 -22.95 -33.07 -22.77
C ASP A 101 -21.60 -32.91 -23.44
N GLU A 102 -21.38 -31.80 -24.15
CA GLU A 102 -20.13 -31.59 -24.86
C GLU A 102 -18.98 -31.13 -23.97
N LEU A 103 -19.25 -30.83 -22.71
CA LEU A 103 -18.22 -30.31 -21.83
C LEU A 103 -17.53 -31.38 -21.02
N ALA A 104 -18.01 -32.62 -21.06
CA ALA A 104 -17.35 -33.69 -20.31
C ALA A 104 -15.89 -33.83 -20.74
N GLY A 105 -14.99 -33.80 -19.76
CA GLY A 105 -13.57 -33.95 -20.01
C GLY A 105 -12.86 -32.68 -20.42
N ARG A 106 -13.59 -31.61 -20.70
CA ARG A 106 -12.96 -30.33 -21.03
C ARG A 106 -12.72 -29.54 -19.74
N THR A 107 -11.82 -28.57 -19.85
CA THR A 107 -11.53 -27.65 -18.75
C THR A 107 -12.19 -26.31 -19.05
N VAL A 108 -12.95 -25.80 -18.10
CA VAL A 108 -13.63 -24.52 -18.25
C VAL A 108 -13.00 -23.54 -17.28
N VAL A 109 -12.45 -22.46 -17.79
CA VAL A 109 -11.88 -21.38 -16.97
C VAL A 109 -12.80 -20.18 -17.11
N ASN A 110 -13.48 -19.83 -16.03
CA ASN A 110 -14.53 -18.82 -16.07
C ASN A 110 -14.02 -17.54 -15.43
N LEU A 111 -13.61 -16.58 -16.27
CA LEU A 111 -13.11 -15.29 -15.82
C LEU A 111 -14.18 -14.22 -15.74
N THR A 112 -15.45 -14.60 -15.95
CA THR A 112 -16.56 -13.71 -15.68
C THR A 112 -16.52 -13.26 -14.21
N SER A 113 -16.86 -11.99 -13.98
CA SER A 113 -16.96 -11.50 -12.61
C SER A 113 -18.36 -11.76 -12.08
N GLY A 114 -18.42 -12.16 -10.82
CA GLY A 114 -19.71 -12.36 -10.19
C GLY A 114 -19.57 -12.65 -8.72
N SER A 115 -20.62 -13.17 -8.14
CA SER A 115 -20.68 -13.37 -6.71
C SER A 115 -20.05 -14.71 -6.32
N PRO A 116 -19.66 -14.87 -5.06
CA PRO A 116 -19.12 -16.16 -4.62
C PRO A 116 -20.10 -17.30 -4.79
N VAL A 117 -21.38 -17.05 -4.50
CA VAL A 117 -22.35 -18.14 -4.61
C VAL A 117 -22.53 -18.55 -6.07
N HIS A 118 -22.45 -17.59 -7.00
CA HIS A 118 -22.64 -17.99 -8.39
C HIS A 118 -21.43 -18.77 -8.90
N ALA A 119 -20.23 -18.43 -8.43
CA ALA A 119 -19.05 -19.24 -8.70
C ALA A 119 -19.22 -20.66 -8.20
N ARG A 120 -19.70 -20.81 -6.96
CA ARG A 120 -19.93 -22.13 -6.38
C ARG A 120 -21.00 -22.90 -7.15
N GLU A 121 -22.11 -22.25 -7.48
CA GLU A 121 -23.17 -22.93 -8.22
C GLU A 121 -22.69 -23.37 -9.59
N THR A 122 -21.87 -22.55 -10.24
CA THR A 122 -21.34 -22.93 -11.54
C THR A 122 -20.35 -24.08 -11.41
N ALA A 123 -19.52 -24.06 -10.37
CA ALA A 123 -18.60 -25.17 -10.15
C ALA A 123 -19.34 -26.47 -9.93
N ASN A 124 -20.43 -26.43 -9.17
CA ASN A 124 -21.22 -27.64 -8.93
C ASN A 124 -21.82 -28.15 -10.22
N TRP A 125 -22.33 -27.23 -11.04
CA TRP A 125 -22.88 -27.60 -12.34
C TRP A 125 -21.81 -28.23 -13.22
N ALA A 126 -20.60 -27.64 -13.24
CA ALA A 126 -19.52 -28.20 -14.07
C ALA A 126 -19.14 -29.59 -13.58
N GLN A 127 -19.08 -29.78 -12.26
CA GLN A 127 -18.81 -31.10 -11.68
C GLN A 127 -19.85 -32.12 -12.11
N GLN A 128 -21.14 -31.74 -12.08
CA GLN A 128 -22.22 -32.67 -12.46
C GLN A 128 -22.01 -33.21 -13.87
N HIS A 129 -21.46 -32.38 -14.75
CA HIS A 129 -21.28 -32.69 -16.16
C HIS A 129 -19.86 -33.11 -16.51
N GLY A 130 -18.99 -33.25 -15.51
CA GLY A 130 -17.68 -33.81 -15.78
C GLY A 130 -16.70 -32.85 -16.41
N ALA A 131 -16.96 -31.54 -16.32
CA ALA A 131 -16.01 -30.54 -16.75
C ALA A 131 -15.13 -30.15 -15.58
N GLU A 132 -13.83 -29.96 -15.84
CA GLU A 132 -12.93 -29.45 -14.81
C GLU A 132 -13.06 -27.95 -14.78
N TYR A 133 -13.37 -27.40 -13.61
CA TYR A 133 -13.81 -26.02 -13.52
C TYR A 133 -12.84 -25.21 -12.68
N LEU A 134 -12.38 -24.11 -13.25
CA LEU A 134 -11.57 -23.13 -12.54
C LEU A 134 -12.29 -21.80 -12.65
N ASP A 135 -12.60 -21.19 -11.51
CA ASP A 135 -13.17 -19.85 -11.54
C ASP A 135 -12.03 -18.86 -11.38
N GLY A 136 -12.16 -17.70 -12.02
CA GLY A 136 -11.08 -16.74 -11.87
C GLY A 136 -11.56 -15.31 -11.89
N VAL A 137 -10.66 -14.42 -11.46
CA VAL A 137 -10.89 -12.99 -11.53
C VAL A 137 -9.67 -12.31 -12.12
N ILE A 138 -9.92 -11.27 -12.90
CA ILE A 138 -8.88 -10.51 -13.59
C ILE A 138 -8.60 -9.25 -12.80
N MET A 139 -7.38 -9.13 -12.28
CA MET A 139 -7.03 -7.98 -11.44
C MET A 139 -6.41 -6.85 -12.24
N THR A 140 -6.93 -6.61 -13.44
CA THR A 140 -6.52 -5.49 -14.28
C THR A 140 -7.66 -5.20 -15.24
N THR A 141 -7.46 -4.21 -16.09
CA THR A 141 -8.40 -3.84 -17.13
C THR A 141 -7.93 -4.42 -18.47
N PRO A 142 -8.75 -4.30 -19.55
CA PRO A 142 -8.36 -4.97 -20.80
C PRO A 142 -6.94 -4.64 -21.29
N SER A 143 -6.49 -3.39 -21.14
CA SER A 143 -5.16 -3.06 -21.62
C SER A 143 -4.04 -3.68 -20.79
N GLY A 144 -4.33 -4.15 -19.57
CA GLY A 144 -3.29 -4.82 -18.79
C GLY A 144 -3.11 -6.30 -19.12
N ILE A 145 -4.04 -6.89 -19.86
CA ILE A 145 -3.96 -8.30 -20.18
C ILE A 145 -2.75 -8.54 -21.09
N GLY A 146 -1.98 -9.58 -20.76
CA GLY A 146 -0.80 -9.93 -21.53
C GLY A 146 0.48 -9.26 -21.09
N LYS A 147 0.42 -8.39 -20.09
CA LYS A 147 1.58 -7.63 -19.64
C LYS A 147 2.11 -8.17 -18.32
N PRO A 148 3.36 -7.86 -17.98
CA PRO A 148 3.93 -8.39 -16.74
C PRO A 148 3.33 -7.74 -15.51
N ASP A 149 3.51 -8.43 -14.38
CA ASP A 149 3.16 -7.96 -13.04
C ASP A 149 1.66 -8.07 -12.72
N TYR A 150 0.78 -7.91 -13.71
CA TYR A 150 -0.65 -7.93 -13.40
C TYR A 150 -1.11 -9.36 -13.13
N LEU A 151 -2.07 -9.49 -12.22
CA LEU A 151 -2.47 -10.78 -11.66
C LEU A 151 -3.80 -11.25 -12.21
N LEU A 152 -3.88 -12.54 -12.44
CA LEU A 152 -5.17 -13.24 -12.58
C LEU A 152 -5.24 -14.28 -11.48
N LEU A 153 -6.36 -14.32 -10.77
CA LEU A 153 -6.48 -15.18 -9.60
C LEU A 153 -7.49 -16.28 -9.89
N TYR A 154 -7.13 -17.51 -9.54
CA TYR A 154 -7.94 -18.66 -9.94
C TYR A 154 -8.23 -19.53 -8.74
N SER A 155 -9.42 -20.15 -8.74
CA SER A 155 -9.78 -21.04 -7.64
C SER A 155 -10.68 -22.15 -8.18
N GLY A 156 -10.48 -23.35 -7.64
CA GLY A 156 -11.25 -24.50 -8.10
C GLY A 156 -10.35 -25.68 -8.39
N SER A 157 -10.57 -26.34 -9.54
CA SER A 157 -9.86 -27.58 -9.85
C SER A 157 -8.35 -27.37 -9.89
N GLN A 158 -7.64 -28.06 -9.00
CA GLN A 158 -6.18 -28.01 -9.02
C GLN A 158 -5.62 -28.69 -10.25
N ALA A 159 -6.24 -29.78 -10.69
CA ALA A 159 -5.82 -30.40 -11.94
C ALA A 159 -5.96 -29.43 -13.11
N ALA A 160 -7.06 -28.67 -13.14
CA ALA A 160 -7.25 -27.68 -14.20
C ALA A 160 -6.15 -26.62 -14.15
N PHE A 161 -5.88 -26.10 -12.95
CA PHE A 161 -4.85 -25.08 -12.84
C PHE A 161 -3.50 -25.62 -13.27
N ASP A 162 -3.12 -26.79 -12.76
CA ASP A 162 -1.78 -27.31 -13.06
C ASP A 162 -1.67 -27.67 -14.53
N GLY A 163 -2.75 -28.17 -15.12
CA GLY A 163 -2.70 -28.54 -16.53
C GLY A 163 -2.77 -27.37 -17.50
N SER A 164 -3.34 -26.25 -17.05
CA SER A 164 -3.57 -25.09 -17.90
C SER A 164 -2.64 -23.93 -17.63
N ARG A 165 -1.82 -23.97 -16.56
CA ARG A 165 -1.06 -22.80 -16.14
C ARG A 165 -0.20 -22.25 -17.26
N GLY A 166 0.47 -23.13 -18.00
CA GLY A 166 1.36 -22.66 -19.07
C GLY A 166 0.63 -21.83 -20.10
N THR A 167 -0.60 -22.23 -20.44
CA THR A 167 -1.41 -21.45 -21.37
C THR A 167 -1.96 -20.20 -20.70
N LEU A 168 -2.45 -20.32 -19.47
CA LEU A 168 -3.00 -19.18 -18.75
C LEU A 168 -1.96 -18.06 -18.54
N CME A 169 -0.66 -18.42 -18.46
CA CME A 169 0.41 -17.44 -18.31
CB CME A 169 1.77 -18.14 -18.36
SG CME A 169 2.27 -18.90 -16.81
SD CME A 169 3.21 -17.40 -15.85
CE CME A 169 4.77 -17.28 -16.76
CZ CME A 169 5.59 -18.55 -16.58
OH CME A 169 5.84 -18.77 -15.20
C CME A 169 0.39 -16.37 -19.40
O CME A 169 0.95 -15.29 -19.19
N ALA A 170 -0.22 -16.66 -20.54
CA ALA A 170 -0.28 -15.68 -21.62
C ALA A 170 -1.06 -14.45 -21.21
N LEU A 171 -1.98 -14.58 -20.26
CA LEU A 171 -2.87 -13.49 -19.87
C LEU A 171 -2.23 -12.56 -18.85
N GLY A 172 -1.31 -13.08 -18.05
CA GLY A 172 -0.79 -12.40 -16.88
C GLY A 172 -0.35 -13.43 -15.87
N GLU A 173 0.13 -12.93 -14.74
CA GLU A 173 0.67 -13.83 -13.72
C GLU A 173 -0.47 -14.59 -13.04
N PRO A 174 -0.50 -15.92 -13.13
CA PRO A 174 -1.59 -16.68 -12.50
C PRO A 174 -1.23 -17.08 -11.08
N MET A 175 -2.23 -17.00 -10.21
CA MET A 175 -2.08 -17.44 -8.83
C MET A 175 -3.21 -18.40 -8.52
N ASN A 176 -2.87 -19.53 -7.93
CA ASN A 176 -3.83 -20.55 -7.55
C ASN A 176 -4.22 -20.27 -6.09
N LEU A 177 -5.44 -19.81 -5.89
CA LEU A 177 -5.87 -19.47 -4.54
C LEU A 177 -6.22 -20.71 -3.73
N GLY A 178 -6.55 -21.82 -4.38
CA GLY A 178 -6.97 -23.01 -3.67
C GLY A 178 -8.16 -23.66 -4.35
N THR A 179 -8.79 -24.59 -3.62
CA THR A 179 -9.68 -25.59 -4.22
C THR A 179 -11.14 -25.15 -4.31
N ASP A 180 -11.52 -24.14 -3.54
CA ASP A 180 -12.91 -23.68 -3.42
C ASP A 180 -13.17 -22.63 -4.50
N ALA A 181 -13.99 -22.98 -5.50
CA ALA A 181 -14.17 -22.14 -6.66
C ALA A 181 -14.63 -20.72 -6.32
N ALA A 182 -15.34 -20.53 -5.21
CA ALA A 182 -15.83 -19.20 -4.83
C ALA A 182 -14.75 -18.28 -4.28
N MET A 183 -13.53 -18.77 -4.09
CA MET A 183 -12.49 -17.93 -3.47
C MET A 183 -12.17 -16.71 -4.32
N ALA A 184 -12.01 -16.88 -5.63
CA ALA A 184 -11.55 -15.77 -6.46
C ALA A 184 -12.44 -14.55 -6.31
N SER A 185 -13.75 -14.74 -6.32
CA SER A 185 -14.71 -13.63 -6.17
C SER A 185 -14.46 -12.86 -4.88
N VAL A 186 -14.31 -13.58 -3.78
CA VAL A 186 -14.08 -12.91 -2.49
C VAL A 186 -12.75 -12.18 -2.49
N TYR A 187 -11.69 -12.83 -3.00
CA TYR A 187 -10.38 -12.18 -3.07
C TYR A 187 -10.44 -10.87 -3.85
N ASP A 188 -11.16 -10.87 -4.97
CA ASP A 188 -11.25 -9.66 -5.78
C ASP A 188 -11.81 -8.51 -4.96
N THR A 189 -12.93 -8.72 -4.28
CA THR A 189 -13.53 -7.69 -3.45
C THR A 189 -12.60 -7.29 -2.32
N ALA A 190 -11.96 -8.26 -1.66
CA ALA A 190 -11.05 -7.92 -0.57
C ALA A 190 -9.84 -7.13 -1.07
N LEU A 191 -9.31 -7.49 -2.24
CA LEU A 191 -8.15 -6.79 -2.77
C LEU A 191 -8.51 -5.39 -3.25
N LEU A 192 -9.72 -5.20 -3.79
CA LEU A 192 -10.12 -3.86 -4.17
C LEU A 192 -10.26 -2.97 -2.94
N GLY A 193 -10.82 -3.52 -1.86
CA GLY A 193 -10.86 -2.77 -0.62
C GLY A 193 -9.48 -2.35 -0.14
N LEU A 194 -8.50 -3.25 -0.27
CA LEU A 194 -7.13 -2.89 0.11
C LEU A 194 -6.61 -1.79 -0.79
N MET A 195 -6.90 -1.87 -2.10
CA MET A 195 -6.47 -0.84 -3.03
C MET A 195 -7.09 0.51 -2.68
N TRP A 196 -8.39 0.53 -2.37
CA TRP A 196 -9.03 1.80 -2.05
C TRP A 196 -8.54 2.37 -0.73
N GLY A 197 -8.23 1.53 0.26
CA GLY A 197 -7.64 2.07 1.48
C GLY A 197 -6.31 2.73 1.22
N THR A 198 -5.45 2.05 0.44
CA THR A 198 -4.17 2.61 0.04
C THR A 198 -4.34 3.92 -0.73
N LEU A 199 -5.15 3.89 -1.80
CA LEU A 199 -5.29 5.06 -2.66
C LEU A 199 -5.89 6.25 -1.92
N THR A 200 -6.74 5.98 -0.92
CA THR A 200 -7.33 7.06 -0.15
C THR A 200 -6.34 7.64 0.83
N GLY A 201 -5.55 6.79 1.48
CA GLY A 201 -4.46 7.29 2.31
C GLY A 201 -3.44 8.06 1.49
N TRP A 202 -3.22 7.62 0.26
CA TRP A 202 -2.35 8.33 -0.66
C TRP A 202 -2.90 9.70 -1.03
N LEU A 203 -4.20 9.76 -1.37
CA LEU A 203 -4.82 11.04 -1.70
C LEU A 203 -4.75 11.99 -0.52
N HIS A 204 -5.02 11.49 0.68
CA HIS A 204 -4.89 12.30 1.87
C HIS A 204 -3.46 12.84 2.00
N GLY A 205 -2.47 11.98 1.75
CA GLY A 205 -1.10 12.43 1.87
C GLY A 205 -0.72 13.45 0.81
N VAL A 206 -1.16 13.22 -0.44
CA VAL A 206 -0.92 14.19 -1.52
C VAL A 206 -1.49 15.55 -1.14
N ALA A 207 -2.71 15.58 -0.61
CA ALA A 207 -3.35 16.84 -0.25
C ALA A 207 -2.63 17.50 0.93
N LEU A 208 -2.12 16.71 1.88
CA LEU A 208 -1.33 17.27 2.97
C LEU A 208 -0.05 17.90 2.45
N MET A 209 0.65 17.18 1.56
CA MET A 209 1.91 17.67 1.02
C MET A 209 1.69 18.88 0.13
N GLY A 210 0.59 18.91 -0.61
CA GLY A 210 0.38 20.01 -1.54
C GLY A 210 -0.13 21.28 -0.91
N ALA A 211 -0.64 21.19 0.32
CA ALA A 211 -1.24 22.34 0.98
C ALA A 211 -0.21 23.41 1.26
N ASP A 212 -0.69 24.65 1.31
CA ASP A 212 0.15 25.73 1.78
C ASP A 212 0.46 25.54 3.27
N GLY A 213 1.65 25.96 3.65
CA GLY A 213 2.12 25.77 5.00
C GLY A 213 3.59 25.41 4.99
N PRO A 214 4.25 25.55 6.12
CA PRO A 214 5.68 25.19 6.18
C PRO A 214 5.88 23.75 5.77
N GLY A 215 6.81 23.54 4.84
CA GLY A 215 7.09 22.21 4.38
C GLY A 215 6.13 21.71 3.34
N GLY A 216 5.17 22.53 2.91
CA GLY A 216 4.17 22.13 1.95
C GLY A 216 4.49 22.55 0.54
N ASN A 217 3.44 22.68 -0.27
CA ASN A 217 3.56 23.01 -1.70
C ASN A 217 4.46 22.01 -2.43
N VAL A 218 4.41 20.74 -1.99
CA VAL A 218 5.14 19.66 -2.63
C VAL A 218 4.22 18.99 -3.65
N THR A 219 4.76 18.69 -4.83
CA THR A 219 3.95 18.04 -5.86
C THR A 219 3.59 16.61 -5.50
N ALA A 220 2.50 16.13 -6.10
CA ALA A 220 2.09 14.75 -5.90
C ALA A 220 3.15 13.79 -6.42
N THR A 221 3.81 14.13 -7.53
CA THR A 221 4.84 13.25 -8.07
C THR A 221 6.03 13.15 -7.12
N ALA A 222 6.46 14.28 -6.54
CA ALA A 222 7.56 14.21 -5.58
C ALA A 222 7.17 13.38 -4.36
N PHE A 223 5.96 13.60 -3.85
CA PHE A 223 5.49 12.82 -2.71
C PHE A 223 5.45 11.33 -3.04
N THR A 224 4.95 10.99 -4.23
CA THR A 224 4.77 9.60 -4.58
C THR A 224 6.10 8.87 -4.78
N GLU A 225 7.14 9.59 -5.24
CA GLU A 225 8.46 8.97 -5.33
C GLU A 225 8.93 8.48 -3.96
N VAL A 226 8.68 9.26 -2.90
CA VAL A 226 9.02 8.82 -1.55
C VAL A 226 8.06 7.74 -1.08
N ALA A 227 6.77 7.93 -1.37
CA ALA A 227 5.76 6.98 -0.94
C ALA A 227 6.03 5.59 -1.49
N ASN A 228 6.47 5.49 -2.75
CA ASN A 228 6.71 4.18 -3.33
C ASN A 228 7.81 3.44 -2.59
N ARG A 229 8.81 4.17 -2.07
CA ARG A 229 9.85 3.54 -1.24
C ARG A 229 9.26 3.10 0.09
N TRP A 230 8.52 4.00 0.72
CA TRP A 230 7.87 3.73 2.00
C TRP A 230 6.92 2.53 1.93
N MET A 231 6.26 2.32 0.79
CA MET A 231 5.33 1.19 0.71
C MET A 231 6.03 -0.15 0.90
N LYS A 232 7.35 -0.23 0.70
CA LYS A 232 8.06 -1.46 1.04
C LYS A 232 7.97 -1.73 2.53
N THR A 233 8.14 -0.70 3.36
CA THR A 233 7.99 -0.87 4.80
C THR A 233 6.57 -1.22 5.17
N VAL A 234 5.57 -0.59 4.51
CA VAL A 234 4.18 -0.88 4.82
C VAL A 234 3.86 -2.35 4.50
N GLY A 235 4.44 -2.87 3.42
CA GLY A 235 4.20 -4.26 3.09
C GLY A 235 4.78 -5.22 4.12
N VAL A 236 5.94 -4.88 4.68
CA VAL A 236 6.48 -5.68 5.77
C VAL A 236 5.54 -5.68 6.97
N PHE A 237 4.94 -4.52 7.29
CA PHE A 237 3.95 -4.50 8.37
C PHE A 237 2.84 -5.51 8.12
N MET A 238 2.28 -5.53 6.91
CA MET A 238 1.21 -6.49 6.61
C MET A 238 1.71 -7.91 6.79
N ASN A 239 2.95 -8.19 6.38
CA ASN A 239 3.47 -9.55 6.51
C ASN A 239 3.71 -9.91 7.98
N THR A 240 4.07 -8.91 8.79
CA THR A 240 4.28 -9.17 10.22
C THR A 240 2.96 -9.39 10.94
N TYR A 241 1.92 -8.66 10.54
CA TYR A 241 0.65 -8.66 11.26
C TYR A 241 -0.27 -9.80 10.84
N ALA A 242 -0.11 -10.36 9.65
CA ALA A 242 -0.99 -11.46 9.28
C ALA A 242 -0.92 -12.63 10.25
N PRO A 243 0.26 -13.11 10.68
CA PRO A 243 0.26 -14.20 11.67
C PRO A 243 -0.34 -13.81 13.00
N HIS A 244 -0.34 -12.51 13.35
CA HIS A 244 -1.04 -12.10 14.57
C HIS A 244 -2.52 -12.44 14.48
N VAL A 245 -3.14 -12.12 13.34
CA VAL A 245 -4.55 -12.40 13.19
C VAL A 245 -4.80 -13.89 13.27
N ASP A 246 -3.96 -14.67 12.60
CA ASP A 246 -4.20 -16.11 12.56
C ASP A 246 -3.98 -16.75 13.92
N ALA A 247 -3.10 -16.21 14.74
CA ALA A 247 -2.84 -16.74 16.06
C ALA A 247 -3.78 -16.17 17.12
N GLY A 248 -4.49 -15.09 16.84
CA GLY A 248 -5.27 -14.40 17.85
C GLY A 248 -4.39 -13.84 18.95
N HIS A 249 -3.17 -13.44 18.60
CA HIS A 249 -2.19 -12.91 19.53
C HIS A 249 -1.49 -11.76 18.83
N TYR A 250 -1.48 -10.58 19.45
CA TYR A 250 -1.20 -9.33 18.75
C TYR A 250 -0.11 -8.53 19.46
N PRO A 251 1.11 -9.07 19.59
CA PRO A 251 2.13 -8.37 20.37
C PRO A 251 2.53 -7.06 19.71
N GLY A 252 2.48 -5.97 20.49
CA GLY A 252 2.63 -4.64 19.93
C GLY A 252 4.06 -4.20 19.73
N ASP A 253 5.02 -4.87 20.38
CA ASP A 253 6.44 -4.60 20.18
C ASP A 253 6.74 -3.12 20.30
N GLU A 254 7.27 -2.50 19.25
CA GLU A 254 7.70 -1.11 19.31
C GLU A 254 6.72 -0.16 18.66
N PHE A 255 5.54 -0.64 18.26
CA PHE A 255 4.54 0.23 17.65
C PHE A 255 3.17 -0.27 18.11
N THR A 256 2.80 0.11 19.32
CA THR A 256 1.56 -0.33 19.94
C THR A 256 0.39 0.56 19.53
N LEU A 257 -0.82 0.08 19.81
CA LEU A 257 -2.02 0.85 19.52
C LEU A 257 -2.02 2.18 20.25
N HIS A 258 -1.46 2.25 21.46
CA HIS A 258 -1.32 3.54 22.14
C HIS A 258 -0.59 4.54 21.23
N LEU A 259 0.49 4.08 20.61
CA LEU A 259 1.28 4.97 19.77
C LEU A 259 0.54 5.28 18.46
N HIS A 260 -0.13 4.29 17.87
CA HIS A 260 -0.97 4.56 16.70
C HIS A 260 -1.97 5.67 17.00
N HIS A 261 -2.69 5.53 18.10
CA HIS A 261 -3.74 6.50 18.43
C HIS A 261 -3.16 7.89 18.65
N ARG A 262 -2.05 7.99 19.39
CA ARG A 262 -1.42 9.29 19.61
C ARG A 262 -1.05 9.94 18.29
N THR A 263 -0.44 9.17 17.39
CA THR A 263 0.02 9.74 16.14
C THR A 263 -1.13 10.02 15.18
N MET A 264 -2.19 9.20 15.23
CA MET A 264 -3.38 9.52 14.46
C MET A 264 -4.00 10.84 14.88
N ASN A 265 -3.98 11.14 16.18
CA ASN A 265 -4.47 12.43 16.63
C ASN A 265 -3.63 13.58 16.05
N ILE A 266 -2.32 13.37 15.92
CA ILE A 266 -1.47 14.38 15.30
C ILE A 266 -1.86 14.55 13.82
N LEU A 267 -2.10 13.43 13.13
CA LEU A 267 -2.55 13.52 11.75
C LEU A 267 -3.88 14.28 11.64
N ALA A 268 -4.83 13.99 12.54
CA ALA A 268 -6.10 14.70 12.51
C ALA A 268 -5.90 16.20 12.65
N HIS A 269 -5.05 16.62 13.59
CA HIS A 269 -4.81 18.04 13.81
C HIS A 269 -4.09 18.68 12.62
N ALA A 270 -3.03 18.03 12.13
CA ALA A 270 -2.32 18.53 10.96
C ALA A 270 -3.24 18.66 9.76
N SER A 271 -4.13 17.68 9.56
CA SER A 271 -5.06 17.71 8.43
C SER A 271 -6.05 18.86 8.56
N GLU A 272 -6.56 19.09 9.77
CA GLU A 272 -7.52 20.18 9.97
C GLU A 272 -6.87 21.52 9.72
N LEU A 273 -5.62 21.69 10.17
CA LEU A 273 -4.91 22.95 9.94
C LEU A 273 -4.71 23.21 8.45
N ARG A 274 -4.35 22.18 7.69
CA ARG A 274 -4.01 22.34 6.30
C ARG A 274 -5.19 22.12 5.38
N GLY A 275 -6.39 22.00 5.93
CA GLY A 275 -7.62 21.96 5.15
C GLY A 275 -7.86 20.67 4.40
N VAL A 276 -7.39 19.54 4.92
CA VAL A 276 -7.57 18.25 4.28
C VAL A 276 -8.67 17.51 5.03
N VAL A 277 -9.76 17.21 4.34
CA VAL A 277 -10.98 16.67 4.95
C VAL A 277 -11.36 15.41 4.17
N SER A 278 -10.92 14.24 4.67
CA SER A 278 -11.13 12.98 3.97
C SER A 278 -11.97 11.98 4.75
N GLY A 279 -12.22 12.23 6.03
CA GLY A 279 -12.85 11.25 6.89
C GLY A 279 -11.90 10.21 7.44
N LEU A 280 -10.69 10.10 6.90
CA LEU A 280 -9.79 9.03 7.31
C LEU A 280 -9.32 9.19 8.76
N PRO A 281 -8.83 10.35 9.19
CA PRO A 281 -8.36 10.44 10.59
C PRO A 281 -9.44 10.08 11.60
N GLU A 282 -10.67 10.54 11.38
CA GLU A 282 -11.76 10.26 12.31
C GLU A 282 -12.07 8.76 12.36
N LEU A 283 -12.03 8.09 11.21
CA LEU A 283 -12.22 6.65 11.16
C LEU A 283 -11.13 5.96 11.97
N LEU A 284 -9.88 6.37 11.76
CA LEU A 284 -8.75 5.74 12.43
C LEU A 284 -8.78 5.95 13.95
N THR A 285 -9.09 7.15 14.40
CA THR A 285 -9.04 7.40 15.85
C THR A 285 -10.21 6.72 16.57
N GLU A 286 -11.39 6.70 15.94
CA GLU A 286 -12.53 6.00 16.54
C GLU A 286 -12.24 4.52 16.71
N LEU A 287 -11.63 3.91 15.70
CA LEU A 287 -11.38 2.48 15.72
C LEU A 287 -10.30 2.12 16.74
N THR A 288 -9.16 2.80 16.69
CA THR A 288 -8.12 2.54 17.67
C THR A 288 -8.60 2.89 19.07
N GLY A 289 -9.43 3.93 19.18
CA GLY A 289 -9.93 4.31 20.50
C GLY A 289 -10.77 3.23 21.13
N ARG A 290 -11.55 2.52 20.31
CA ARG A 290 -12.35 1.43 20.87
C ARG A 290 -11.46 0.30 21.38
N ALA A 291 -10.39 -0.02 20.65
CA ALA A 291 -9.52 -1.10 21.12
C ALA A 291 -8.77 -0.68 22.37
N ILE A 292 -8.39 0.59 22.46
CA ILE A 292 -7.68 1.05 23.65
C ILE A 292 -8.61 1.05 24.86
N THR A 293 -9.85 1.50 24.66
CA THR A 293 -10.84 1.44 25.73
C THR A 293 -11.01 0.02 26.24
N ALA A 294 -10.93 -0.97 25.34
CA ALA A 294 -11.04 -2.38 25.70
C ALA A 294 -9.79 -2.94 26.34
N GLY A 295 -8.73 -2.15 26.47
CA GLY A 295 -7.53 -2.55 27.18
C GLY A 295 -6.42 -3.10 26.32
N HIS A 296 -6.48 -2.92 25.00
CA HIS A 296 -5.48 -3.49 24.10
C HIS A 296 -4.48 -2.47 23.61
N GLY A 297 -4.23 -1.41 24.39
CA GLY A 297 -3.32 -0.37 23.93
C GLY A 297 -1.90 -0.82 23.67
N ASN A 298 -1.48 -1.96 24.22
CA ASN A 298 -0.13 -2.46 24.00
C ASN A 298 -0.03 -3.39 22.81
N ASP A 299 -1.13 -3.61 22.08
CA ASP A 299 -1.13 -4.58 21.01
C ASP A 299 -0.78 -3.97 19.66
N SER A 300 -0.60 -4.84 18.68
CA SER A 300 -0.31 -4.41 17.32
C SER A 300 -1.59 -3.99 16.61
N TYR A 301 -1.40 -3.36 15.45
CA TYR A 301 -2.53 -2.95 14.62
C TYR A 301 -3.45 -4.13 14.30
N ALA A 302 -2.89 -5.33 14.26
CA ALA A 302 -3.68 -6.51 13.91
C ALA A 302 -4.81 -6.78 14.91
N ARG A 303 -4.69 -6.33 16.16
CA ARG A 303 -5.79 -6.48 17.11
C ARG A 303 -7.07 -5.82 16.60
N LEU A 304 -6.96 -4.81 15.75
CA LEU A 304 -8.14 -4.09 15.30
C LEU A 304 -9.06 -4.95 14.43
N VAL A 305 -8.57 -6.09 13.93
CA VAL A 305 -9.45 -6.99 13.18
C VAL A 305 -10.65 -7.39 14.04
N GLU A 306 -10.47 -7.44 15.36
CA GLU A 306 -11.55 -7.83 16.25
C GLU A 306 -12.58 -6.72 16.43
N PHE A 307 -12.23 -5.50 16.04
CA PHE A 307 -13.11 -4.35 16.20
C PHE A 307 -13.78 -3.95 14.89
N ILE A 308 -13.60 -4.72 13.83
CA ILE A 308 -14.36 -4.56 12.60
C ILE A 308 -15.09 -5.82 12.19
N ARG A 309 -14.87 -6.95 12.86
CA ARG A 309 -15.44 -8.22 12.44
C ARG A 309 -16.49 -8.71 13.42
N HIS B 20 34.16 6.28 3.50
CA HIS B 20 35.34 5.44 3.74
C HIS B 20 35.95 5.69 5.12
N MET B 21 36.20 6.95 5.43
CA MET B 21 36.88 7.31 6.67
C MET B 21 35.86 7.61 7.77
N GLY B 22 36.16 7.13 8.97
CA GLY B 22 35.26 7.33 10.09
C GLY B 22 35.13 8.80 10.47
N ALA B 23 33.96 9.15 10.98
CA ALA B 23 33.67 10.53 11.32
C ALA B 23 33.55 10.69 12.83
N LYS B 24 33.59 11.94 13.27
CA LYS B 24 33.30 12.28 14.66
C LYS B 24 31.88 12.80 14.71
N VAL B 25 31.04 12.18 15.52
CA VAL B 25 29.63 12.52 15.60
C VAL B 25 29.22 12.56 17.07
N THR B 26 28.32 13.49 17.40
CA THR B 26 27.72 13.57 18.73
C THR B 26 26.24 13.25 18.64
N VAL B 27 25.74 12.46 19.59
CA VAL B 27 24.30 12.27 19.75
C VAL B 27 23.87 12.91 21.06
N LEU B 28 22.87 13.79 21.01
CA LEU B 28 22.23 14.34 22.19
C LEU B 28 20.89 13.66 22.38
N GLY B 29 20.72 12.99 23.51
CA GLY B 29 19.51 12.20 23.75
C GLY B 29 19.74 10.71 23.74
N LEU B 30 19.56 10.05 24.89
CA LEU B 30 19.77 8.61 24.98
C LEU B 30 18.50 7.88 25.42
N GLY B 31 17.34 8.39 25.01
CA GLY B 31 16.14 7.57 25.04
C GLY B 31 16.30 6.40 24.09
N PRO B 32 15.26 5.57 23.96
CA PRO B 32 15.40 4.38 23.13
C PRO B 32 15.82 4.67 21.70
N MET B 33 15.29 5.74 21.09
CA MET B 33 15.72 6.04 19.73
C MET B 33 17.13 6.64 19.70
N GLY B 34 17.38 7.65 20.53
CA GLY B 34 18.70 8.25 20.55
C GLY B 34 19.81 7.26 20.83
N ALA B 35 19.58 6.33 21.77
CA ALA B 35 20.60 5.33 22.06
C ALA B 35 20.80 4.38 20.88
N ALA B 36 19.72 4.06 20.17
CA ALA B 36 19.86 3.27 18.95
C ALA B 36 20.67 4.03 17.89
N LEU B 37 20.43 5.33 17.72
CA LEU B 37 21.23 6.09 16.76
C LEU B 37 22.70 6.02 17.13
N ALA B 38 23.03 6.24 18.41
CA ALA B 38 24.42 6.20 18.83
C ALA B 38 25.04 4.82 18.60
N GLY B 39 24.29 3.76 18.89
CA GLY B 39 24.80 2.42 18.66
C GLY B 39 25.11 2.19 17.20
N ALA B 40 24.29 2.74 16.29
CA ALA B 40 24.49 2.51 14.87
C ALA B 40 25.69 3.31 14.35
N PHE B 41 25.90 4.53 14.87
CA PHE B 41 27.11 5.26 14.52
C PHE B 41 28.35 4.50 14.97
N LEU B 42 28.33 3.96 16.19
CA LEU B 42 29.45 3.15 16.66
C LEU B 42 29.67 1.92 15.78
N ALA B 43 28.58 1.22 15.43
CA ALA B 43 28.71 0.02 14.61
C ALA B 43 29.36 0.32 13.27
N ALA B 44 29.13 1.51 12.74
CA ALA B 44 29.71 1.89 11.46
C ALA B 44 31.14 2.40 11.58
N GLY B 45 31.70 2.42 12.79
CA GLY B 45 33.08 2.86 12.99
C GLY B 45 33.27 4.32 13.31
N HIS B 46 32.20 5.04 13.61
CA HIS B 46 32.32 6.47 13.86
C HIS B 46 32.65 6.73 15.33
N ARG B 47 33.47 7.76 15.55
CA ARG B 47 33.83 8.17 16.91
C ARG B 47 32.65 8.95 17.47
N THR B 48 31.88 8.31 18.37
CA THR B 48 30.59 8.81 18.79
C THR B 48 30.68 9.33 20.23
N THR B 49 30.34 10.60 20.42
CA THR B 49 30.21 11.19 21.74
C THR B 49 28.73 11.28 22.07
N VAL B 50 28.35 10.93 23.29
CA VAL B 50 26.94 10.92 23.66
C VAL B 50 26.74 11.73 24.94
N TRP B 51 25.55 12.33 25.04
CA TRP B 51 25.12 13.01 26.25
C TRP B 51 23.63 12.81 26.41
N ASN B 52 23.21 12.68 27.67
CA ASN B 52 21.79 12.63 27.99
C ASN B 52 21.58 13.50 29.22
N ARG B 53 20.42 14.15 29.26
CA ARG B 53 20.10 15.00 30.41
C ARG B 53 20.24 14.23 31.72
N THR B 54 19.62 13.05 31.81
CA THR B 54 19.70 12.23 33.01
C THR B 54 20.89 11.30 32.92
N PRO B 55 21.79 11.30 33.90
CA PRO B 55 22.93 10.39 33.85
C PRO B 55 22.49 8.94 34.03
N GLY B 56 23.34 8.03 33.56
CA GLY B 56 23.13 6.62 33.79
C GLY B 56 22.37 5.88 32.71
N LYS B 57 22.32 6.40 31.48
CA LYS B 57 21.69 5.71 30.37
C LYS B 57 22.67 5.39 29.25
N GLY B 58 23.96 5.61 29.45
CA GLY B 58 24.95 5.36 28.41
C GLY B 58 25.93 4.27 28.77
N GLY B 59 25.53 3.38 29.68
CA GLY B 59 26.39 2.29 30.09
C GLY B 59 26.77 1.37 28.95
N SER B 60 25.76 0.74 28.33
CA SER B 60 26.02 -0.17 27.22
C SER B 60 26.78 0.53 26.09
N LEU B 61 26.45 1.79 25.82
CA LEU B 61 27.10 2.50 24.72
C LEU B 61 28.60 2.68 25.00
N ALA B 62 28.97 2.95 26.25
CA ALA B 62 30.38 3.12 26.57
C ALA B 62 31.17 1.85 26.30
N GLY B 63 30.60 0.69 26.65
CA GLY B 63 31.27 -0.56 26.36
C GLY B 63 31.37 -0.85 24.88
N GLU B 64 30.48 -0.29 24.09
CA GLU B 64 30.57 -0.38 22.64
C GLU B 64 31.51 0.68 22.04
N GLY B 65 32.10 1.52 22.88
CA GLY B 65 33.11 2.48 22.44
C GLY B 65 32.70 3.94 22.45
N ALA B 66 31.48 4.27 22.87
CA ALA B 66 31.08 5.67 22.94
C ALA B 66 31.83 6.39 24.05
N THR B 67 32.02 7.69 23.86
CA THR B 67 32.47 8.59 24.92
C THR B 67 31.25 9.32 25.47
N GLU B 68 30.89 9.05 26.71
CA GLU B 68 29.86 9.81 27.37
C GLU B 68 30.48 11.00 28.09
N VAL B 69 29.85 12.17 27.93
CA VAL B 69 30.30 13.38 28.61
C VAL B 69 29.14 13.91 29.43
N ALA B 70 29.48 14.73 30.43
CA ALA B 70 28.50 15.11 31.44
C ALA B 70 27.57 16.25 31.01
N SER B 71 27.98 17.10 30.07
CA SER B 71 27.18 18.25 29.69
C SER B 71 26.97 18.27 28.18
N ALA B 72 25.82 18.82 27.77
CA ALA B 72 25.57 18.99 26.35
C ALA B 72 26.60 19.92 25.72
N ALA B 73 27.11 20.89 26.49
CA ALA B 73 28.17 21.76 25.97
C ALA B 73 29.40 20.96 25.57
N GLU B 74 29.83 20.03 26.43
CA GLU B 74 30.98 19.19 26.09
C GLU B 74 30.67 18.35 24.86
N ALA B 75 29.45 17.83 24.78
CA ALA B 75 29.09 16.96 23.68
C ALA B 75 29.10 17.72 22.36
N VAL B 76 28.56 18.93 22.35
CA VAL B 76 28.52 19.71 21.11
C VAL B 76 29.93 20.08 20.67
N ALA B 77 30.79 20.48 21.60
CA ALA B 77 32.15 20.87 21.23
C ALA B 77 32.98 19.69 20.76
N ALA B 78 32.53 18.46 20.98
CA ALA B 78 33.34 17.29 20.65
C ALA B 78 33.29 16.92 19.17
N SER B 79 32.29 17.37 18.43
CA SER B 79 32.07 16.87 17.08
C SER B 79 31.60 17.95 16.12
N PRO B 80 31.99 17.87 14.85
CA PRO B 80 31.44 18.80 13.86
C PRO B 80 30.01 18.48 13.45
N LEU B 81 29.56 17.25 13.70
CA LEU B 81 28.21 16.81 13.38
C LEU B 81 27.51 16.47 14.69
N VAL B 82 26.39 17.13 14.94
CA VAL B 82 25.63 17.01 16.18
C VAL B 82 24.24 16.49 15.81
N VAL B 83 23.94 15.27 16.22
CA VAL B 83 22.67 14.63 15.94
C VAL B 83 21.80 14.74 17.18
N VAL B 84 20.59 15.27 17.02
CA VAL B 84 19.70 15.55 18.15
C VAL B 84 18.49 14.63 18.10
N CYS B 85 18.16 13.98 19.22
CA CYS B 85 17.01 13.08 19.18
C CYS B 85 16.37 13.10 20.56
N LEU B 86 15.55 14.11 20.79
CA LEU B 86 14.93 14.37 22.09
C LEU B 86 13.42 14.17 21.98
N ALA B 87 12.75 14.18 23.14
CA ALA B 87 11.32 13.89 23.15
C ALA B 87 10.53 14.92 22.36
N THR B 88 10.92 16.20 22.41
CA THR B 88 10.10 17.27 21.87
C THR B 88 10.99 18.39 21.36
N TYR B 89 10.40 19.25 20.54
CA TYR B 89 11.15 20.44 20.13
C TYR B 89 11.27 21.44 21.28
N GLU B 90 10.36 21.39 22.26
CA GLU B 90 10.56 22.15 23.49
C GLU B 90 11.85 21.73 24.17
N ALA B 91 12.12 20.43 24.22
CA ALA B 91 13.37 19.95 24.80
C ALA B 91 14.57 20.35 23.95
N VAL B 92 14.44 20.28 22.63
CA VAL B 92 15.52 20.73 21.74
C VAL B 92 15.90 22.16 22.07
N HIS B 93 14.89 23.03 22.23
CA HIS B 93 15.14 24.42 22.59
C HIS B 93 15.87 24.53 23.92
N GLU B 94 15.40 23.80 24.94
CA GLU B 94 16.02 23.91 26.25
C GLU B 94 17.49 23.49 26.22
N VAL B 95 17.83 22.52 25.38
CA VAL B 95 19.21 22.04 25.34
C VAL B 95 20.05 22.93 24.43
N LEU B 96 19.52 23.31 23.27
CA LEU B 96 20.35 24.00 22.29
C LEU B 96 20.48 25.49 22.55
N ASP B 97 19.45 26.12 23.12
CA ASP B 97 19.46 27.58 23.23
C ASP B 97 20.67 28.12 23.99
N PRO B 98 21.13 27.53 25.09
CA PRO B 98 22.33 28.06 25.76
C PRO B 98 23.63 27.82 25.00
N LEU B 99 23.59 27.08 23.88
CA LEU B 99 24.78 26.71 23.13
C LEU B 99 24.88 27.42 21.78
N ALA B 100 24.19 28.55 21.63
CA ALA B 100 24.18 29.27 20.34
C ALA B 100 25.60 29.54 19.84
N ASP B 101 26.46 30.10 20.69
CA ASP B 101 27.82 30.40 20.26
C ASP B 101 28.58 29.12 19.92
N GLU B 102 28.35 28.05 20.69
CA GLU B 102 29.12 26.82 20.52
C GLU B 102 28.76 26.06 19.24
N LEU B 103 27.63 26.37 18.60
CA LEU B 103 27.19 25.67 17.39
C LEU B 103 27.73 26.26 16.11
N ALA B 104 28.35 27.44 16.16
CA ALA B 104 28.85 28.09 14.96
C ALA B 104 29.81 27.17 14.21
N GLY B 105 29.56 26.98 12.92
CA GLY B 105 30.40 26.14 12.11
C GLY B 105 30.11 24.66 12.22
N ARG B 106 29.13 24.26 13.02
CA ARG B 106 28.79 22.85 13.14
C ARG B 106 27.55 22.53 12.32
N THR B 107 27.32 21.24 12.12
CA THR B 107 26.14 20.74 11.42
C THR B 107 25.23 20.09 12.43
N VAL B 108 23.96 20.51 12.43
CA VAL B 108 22.98 19.96 13.36
C VAL B 108 21.98 19.18 12.55
N VAL B 109 21.79 17.91 12.91
CA VAL B 109 20.81 17.05 12.27
C VAL B 109 19.79 16.71 13.34
N ASN B 110 18.59 17.22 13.20
CA ASN B 110 17.59 17.12 14.26
C ASN B 110 16.56 16.07 13.88
N LEU B 111 16.65 14.90 14.52
CA LEU B 111 15.76 13.77 14.25
C LEU B 111 14.62 13.66 15.26
N THR B 112 14.47 14.65 16.14
CA THR B 112 13.27 14.80 16.95
C THR B 112 12.05 14.89 16.06
N SER B 113 10.95 14.26 16.48
CA SER B 113 9.69 14.40 15.77
C SER B 113 8.93 15.62 16.29
N GLY B 114 8.26 16.32 15.39
CA GLY B 114 7.52 17.51 15.78
C GLY B 114 6.83 18.12 14.59
N SER B 115 6.37 19.34 14.78
CA SER B 115 5.54 20.07 13.82
C SER B 115 6.38 20.77 12.77
N PRO B 116 5.79 21.03 11.61
CA PRO B 116 6.53 21.75 10.57
C PRO B 116 6.99 23.13 11.03
N VAL B 117 6.15 23.84 11.78
CA VAL B 117 6.54 25.18 12.20
C VAL B 117 7.72 25.12 13.17
N HIS B 118 7.76 24.09 14.04
CA HIS B 118 8.87 24.01 14.98
C HIS B 118 10.16 23.67 14.27
N ALA B 119 10.08 22.84 13.22
CA ALA B 119 11.26 22.57 12.40
C ALA B 119 11.78 23.84 11.76
N ARG B 120 10.89 24.66 11.19
CA ARG B 120 11.33 25.90 10.55
C ARG B 120 11.93 26.87 11.56
N GLU B 121 11.29 27.03 12.72
CA GLU B 121 11.80 27.95 13.72
C GLU B 121 13.17 27.52 14.22
N THR B 122 13.37 26.23 14.43
CA THR B 122 14.70 25.75 14.81
C THR B 122 15.70 25.98 13.69
N ALA B 123 15.29 25.70 12.46
CA ALA B 123 16.16 25.95 11.31
C ALA B 123 16.62 27.40 11.27
N ASN B 124 15.68 28.34 11.45
CA ASN B 124 16.03 29.74 11.35
C ASN B 124 16.99 30.14 12.46
N TRP B 125 16.77 29.63 13.67
CA TRP B 125 17.67 29.91 14.80
C TRP B 125 19.06 29.37 14.52
N ALA B 126 19.15 28.15 13.99
CA ALA B 126 20.46 27.58 13.67
C ALA B 126 21.19 28.42 12.65
N GLN B 127 20.48 28.85 11.59
CA GLN B 127 21.07 29.71 10.57
C GLN B 127 21.56 31.05 11.15
N GLN B 128 20.75 31.67 12.02
CA GLN B 128 21.17 32.92 12.66
C GLN B 128 22.50 32.76 13.39
N HIS B 129 22.77 31.57 13.93
CA HIS B 129 23.95 31.30 14.73
C HIS B 129 25.03 30.56 13.95
N GLY B 130 24.87 30.42 12.64
CA GLY B 130 25.93 29.87 11.82
C GLY B 130 26.04 28.37 11.81
N ALA B 131 25.03 27.65 12.29
CA ALA B 131 25.02 26.20 12.18
C ALA B 131 24.28 25.78 10.92
N GLU B 132 24.76 24.71 10.28
CA GLU B 132 24.07 24.13 9.13
C GLU B 132 23.02 23.18 9.65
N TYR B 133 21.77 23.38 9.25
CA TYR B 133 20.66 22.69 9.90
C TYR B 133 19.94 21.75 8.94
N LEU B 134 19.85 20.50 9.34
CA LEU B 134 19.09 19.48 8.62
C LEU B 134 18.06 18.91 9.58
N ASP B 135 16.79 19.00 9.21
CA ASP B 135 15.73 18.39 10.02
C ASP B 135 15.39 17.03 9.41
N GLY B 136 15.08 16.06 10.25
CA GLY B 136 14.78 14.74 9.75
C GLY B 136 13.66 14.05 10.51
N VAL B 137 13.14 12.99 9.89
CA VAL B 137 12.21 12.07 10.55
C VAL B 137 12.68 10.63 10.31
N ILE B 138 12.46 9.79 11.31
CA ILE B 138 12.86 8.40 11.30
C ILE B 138 11.62 7.55 10.99
N MET B 139 11.64 6.85 9.86
CA MET B 139 10.49 6.06 9.44
C MET B 139 10.60 4.61 9.89
N THR B 140 11.05 4.42 11.12
CA THR B 140 11.10 3.12 11.74
C THR B 140 11.16 3.32 13.24
N THR B 141 11.31 2.23 13.98
CA THR B 141 11.44 2.29 15.43
C THR B 141 12.87 1.96 15.83
N PRO B 142 13.24 2.03 17.12
CA PRO B 142 14.65 1.89 17.47
C PRO B 142 15.30 0.62 16.97
N SER B 143 14.60 -0.51 16.97
CA SER B 143 15.21 -1.75 16.48
C SER B 143 15.44 -1.75 14.97
N GLY B 144 14.85 -0.82 14.23
CA GLY B 144 15.12 -0.74 12.80
C GLY B 144 16.32 0.11 12.43
N ILE B 145 16.83 0.89 13.38
CA ILE B 145 17.98 1.74 13.11
C ILE B 145 19.20 0.86 12.85
N GLY B 146 20.04 1.27 11.91
CA GLY B 146 21.20 0.48 11.57
C GLY B 146 20.94 -0.63 10.57
N LYS B 147 19.76 -0.67 9.97
CA LYS B 147 19.41 -1.56 8.88
C LYS B 147 19.23 -0.75 7.59
N PRO B 148 19.76 -1.22 6.47
CA PRO B 148 19.73 -0.43 5.24
C PRO B 148 18.37 -0.38 4.55
N ASP B 149 17.35 -1.03 5.09
CA ASP B 149 16.06 -1.16 4.44
C ASP B 149 15.01 -0.17 4.96
N TYR B 150 15.26 0.50 6.07
CA TYR B 150 14.35 1.51 6.60
C TYR B 150 14.82 2.90 6.21
N LEU B 151 13.86 3.81 6.07
CA LEU B 151 14.09 5.17 5.59
C LEU B 151 14.27 6.15 6.74
N LEU B 152 15.21 7.08 6.54
CA LEU B 152 15.28 8.33 7.30
C LEU B 152 15.19 9.47 6.30
N LEU B 153 14.27 10.40 6.52
CA LEU B 153 14.01 11.46 5.56
C LEU B 153 14.53 12.78 6.13
N TYR B 154 15.23 13.56 5.31
CA TYR B 154 15.89 14.76 5.78
C TYR B 154 15.49 15.94 4.90
N SER B 155 15.45 17.13 5.50
CA SER B 155 15.15 18.31 4.73
C SER B 155 15.85 19.52 5.35
N GLY B 156 16.31 20.43 4.50
CA GLY B 156 17.08 21.56 4.98
C GLY B 156 18.35 21.76 4.19
N SER B 157 19.47 21.93 4.90
CA SER B 157 20.74 22.31 4.28
C SER B 157 21.23 21.19 3.38
N GLN B 158 21.29 21.48 2.08
CA GLN B 158 21.86 20.53 1.13
C GLN B 158 23.35 20.33 1.37
N ALA B 159 24.06 21.37 1.80
CA ALA B 159 25.47 21.20 2.15
C ALA B 159 25.63 20.20 3.29
N ALA B 160 24.77 20.31 4.30
CA ALA B 160 24.82 19.38 5.42
C ALA B 160 24.53 17.95 4.96
N PHE B 161 23.50 17.78 4.12
CA PHE B 161 23.14 16.44 3.68
C PHE B 161 24.27 15.83 2.86
N ASP B 162 24.77 16.57 1.87
CA ASP B 162 25.83 16.04 1.03
C ASP B 162 27.08 15.72 1.83
N GLY B 163 27.44 16.59 2.78
CA GLY B 163 28.64 16.41 3.57
C GLY B 163 28.55 15.35 4.65
N SER B 164 27.33 15.04 5.09
CA SER B 164 27.15 14.07 6.16
C SER B 164 26.47 12.79 5.71
N ARG B 165 26.10 12.67 4.43
CA ARG B 165 25.33 11.52 3.97
C ARG B 165 26.06 10.21 4.30
N GLY B 166 27.37 10.15 4.03
CA GLY B 166 28.11 8.94 4.33
C GLY B 166 28.02 8.53 5.78
N THR B 167 28.00 9.51 6.69
CA THR B 167 27.85 9.19 8.11
C THR B 167 26.42 8.79 8.44
N LEU B 168 25.45 9.52 7.88
CA LEU B 168 24.05 9.22 8.17
C LEU B 168 23.63 7.85 7.63
N CME B 169 24.33 7.33 6.62
CA CME B 169 24.07 5.98 6.12
CB CME B 169 25.05 5.65 5.00
SG CME B 169 24.61 6.38 3.42
SD CME B 169 23.36 4.97 2.70
CE CME B 169 24.37 3.61 2.03
CZ CME B 169 25.40 4.19 1.06
OH CME B 169 24.73 4.63 -0.11
C CME B 169 24.15 4.92 7.21
O CME B 169 23.59 3.83 7.03
N ALA B 170 24.84 5.20 8.31
CA ALA B 170 24.93 4.26 9.42
C ALA B 170 23.57 3.96 10.03
N LEU B 171 22.63 4.90 9.90
CA LEU B 171 21.34 4.80 10.57
C LEU B 171 20.30 4.08 9.72
N GLY B 172 20.46 4.11 8.42
CA GLY B 172 19.42 3.66 7.51
C GLY B 172 19.54 4.43 6.21
N GLU B 173 18.64 4.09 5.28
CA GLU B 173 18.70 4.71 3.95
C GLU B 173 18.29 6.18 4.02
N PRO B 174 19.17 7.12 3.70
CA PRO B 174 18.84 8.54 3.79
C PRO B 174 18.24 9.08 2.51
N MET B 175 17.20 9.90 2.65
CA MET B 175 16.56 10.56 1.53
C MET B 175 16.53 12.06 1.77
N ASN B 176 16.97 12.83 0.79
CA ASN B 176 16.95 14.28 0.86
C ASN B 176 15.65 14.75 0.22
N LEU B 177 14.75 15.32 1.02
CA LEU B 177 13.47 15.74 0.49
C LEU B 177 13.53 17.10 -0.18
N GLY B 178 14.53 17.91 0.15
CA GLY B 178 14.60 19.25 -0.38
C GLY B 178 15.16 20.21 0.64
N THR B 179 15.10 21.50 0.29
CA THR B 179 15.80 22.55 1.02
C THR B 179 15.02 23.12 2.20
N ASP B 180 13.72 22.89 2.26
CA ASP B 180 12.84 23.46 3.27
C ASP B 180 12.80 22.55 4.51
N ALA B 181 13.35 23.03 5.63
CA ALA B 181 13.55 22.16 6.78
C ALA B 181 12.24 21.54 7.28
N ALA B 182 11.12 22.22 7.07
CA ALA B 182 9.83 21.74 7.57
C ALA B 182 9.28 20.56 6.78
N MET B 183 9.88 20.21 5.64
CA MET B 183 9.28 19.19 4.78
C MET B 183 9.21 17.83 5.47
N ALA B 184 10.27 17.46 6.22
CA ALA B 184 10.30 16.12 6.80
C ALA B 184 9.11 15.88 7.73
N SER B 185 8.78 16.86 8.57
CA SER B 185 7.61 16.74 9.44
C SER B 185 6.35 16.43 8.62
N VAL B 186 6.13 17.16 7.53
CA VAL B 186 4.92 16.99 6.74
C VAL B 186 4.92 15.62 6.07
N TYR B 187 6.05 15.23 5.48
CA TYR B 187 6.16 13.90 4.88
C TYR B 187 5.85 12.81 5.90
N ASP B 188 6.36 12.94 7.12
CA ASP B 188 6.10 11.90 8.13
C ASP B 188 4.61 11.68 8.31
N THR B 189 3.88 12.78 8.58
CA THR B 189 2.43 12.68 8.78
C THR B 189 1.73 12.14 7.54
N ALA B 190 2.15 12.57 6.34
CA ALA B 190 1.50 12.12 5.12
C ALA B 190 1.76 10.65 4.85
N LEU B 191 2.99 10.19 5.08
CA LEU B 191 3.33 8.78 4.89
C LEU B 191 2.64 7.91 5.94
N LEU B 192 2.51 8.40 7.17
CA LEU B 192 1.78 7.60 8.16
C LEU B 192 0.31 7.48 7.78
N GLY B 193 -0.29 8.55 7.24
CA GLY B 193 -1.66 8.44 6.76
C GLY B 193 -1.80 7.41 5.65
N LEU B 194 -0.84 7.41 4.72
CA LEU B 194 -0.84 6.39 3.66
C LEU B 194 -0.73 4.98 4.26
N MET B 195 0.12 4.83 5.28
CA MET B 195 0.28 3.53 5.93
C MET B 195 -1.03 3.08 6.58
N TRP B 196 -1.72 3.99 7.27
CA TRP B 196 -2.97 3.64 7.93
C TRP B 196 -4.10 3.35 6.94
N GLY B 197 -4.16 4.08 5.81
CA GLY B 197 -5.12 3.73 4.79
C GLY B 197 -4.89 2.33 4.27
N THR B 198 -3.63 2.00 3.97
CA THR B 198 -3.27 0.68 3.50
C THR B 198 -3.60 -0.38 4.53
N LEU B 199 -3.17 -0.18 5.78
CA LEU B 199 -3.37 -1.21 6.81
C LEU B 199 -4.84 -1.39 7.15
N THR B 200 -5.65 -0.34 7.03
CA THR B 200 -7.07 -0.49 7.30
C THR B 200 -7.79 -1.19 6.15
N GLY B 201 -7.42 -0.89 4.91
CA GLY B 201 -7.91 -1.69 3.80
C GLY B 201 -7.49 -3.13 3.90
N TRP B 202 -6.26 -3.37 4.38
CA TRP B 202 -5.78 -4.73 4.60
C TRP B 202 -6.61 -5.44 5.68
N LEU B 203 -6.81 -4.77 6.82
CA LEU B 203 -7.65 -5.34 7.87
C LEU B 203 -9.04 -5.67 7.36
N HIS B 204 -9.64 -4.75 6.59
CA HIS B 204 -10.95 -5.00 6.02
C HIS B 204 -10.94 -6.24 5.14
N GLY B 205 -9.89 -6.38 4.32
CA GLY B 205 -9.80 -7.54 3.44
C GLY B 205 -9.55 -8.82 4.19
N VAL B 206 -8.70 -8.78 5.22
CA VAL B 206 -8.49 -9.94 6.08
C VAL B 206 -9.81 -10.40 6.68
N ALA B 207 -10.59 -9.46 7.22
CA ALA B 207 -11.88 -9.82 7.80
C ALA B 207 -12.82 -10.41 6.76
N LEU B 208 -12.88 -9.82 5.57
CA LEU B 208 -13.75 -10.35 4.52
C LEU B 208 -13.34 -11.77 4.15
N MET B 209 -12.03 -12.01 4.00
CA MET B 209 -11.56 -13.33 3.61
C MET B 209 -11.78 -14.35 4.72
N GLY B 210 -11.67 -13.92 5.97
CA GLY B 210 -11.79 -14.85 7.08
C GLY B 210 -13.21 -15.25 7.42
N ALA B 211 -14.19 -14.47 6.95
CA ALA B 211 -15.57 -14.69 7.34
C ALA B 211 -16.12 -15.97 6.73
N ASP B 212 -17.13 -16.52 7.40
CA ASP B 212 -17.85 -17.67 6.87
C ASP B 212 -18.52 -17.30 5.55
N GLY B 213 -18.61 -18.27 4.66
CA GLY B 213 -19.27 -18.06 3.41
C GLY B 213 -18.54 -18.80 2.31
N PRO B 214 -19.20 -19.00 1.18
CA PRO B 214 -18.51 -19.60 0.04
C PRO B 214 -17.29 -18.77 -0.30
N GLY B 215 -16.14 -19.44 -0.42
CA GLY B 215 -14.91 -18.74 -0.73
C GLY B 215 -14.25 -18.08 0.46
N GLY B 216 -14.77 -18.29 1.67
CA GLY B 216 -14.26 -17.66 2.85
C GLY B 216 -13.46 -18.59 3.73
N ASN B 217 -13.35 -18.22 5.02
CA ASN B 217 -12.53 -18.96 5.97
C ASN B 217 -11.09 -19.09 5.47
N VAL B 218 -10.61 -18.05 4.82
CA VAL B 218 -9.24 -17.96 4.33
C VAL B 218 -8.39 -17.26 5.39
N THR B 219 -7.19 -17.78 5.63
CA THR B 219 -6.32 -17.22 6.67
C THR B 219 -5.79 -15.86 6.25
N ALA B 220 -5.45 -15.06 7.26
CA ALA B 220 -4.83 -13.78 6.98
C ALA B 220 -3.51 -13.94 6.27
N THR B 221 -2.77 -15.00 6.60
CA THR B 221 -1.48 -15.21 5.96
C THR B 221 -1.64 -15.54 4.48
N ALA B 222 -2.62 -16.39 4.15
CA ALA B 222 -2.88 -16.70 2.75
C ALA B 222 -3.33 -15.47 1.99
N PHE B 223 -4.28 -14.72 2.54
CA PHE B 223 -4.69 -13.47 1.89
C PHE B 223 -3.50 -12.56 1.66
N THR B 224 -2.66 -12.38 2.69
CA THR B 224 -1.57 -11.42 2.60
C THR B 224 -0.51 -11.83 1.58
N GLU B 225 -0.33 -13.14 1.36
CA GLU B 225 0.56 -13.59 0.29
C GLU B 225 0.11 -13.03 -1.06
N VAL B 226 -1.20 -13.01 -1.31
CA VAL B 226 -1.70 -12.47 -2.56
C VAL B 226 -1.69 -10.96 -2.52
N ALA B 227 -2.07 -10.38 -1.37
CA ALA B 227 -2.10 -8.94 -1.22
C ALA B 227 -0.75 -8.33 -1.55
N ASN B 228 0.33 -8.96 -1.10
CA ASN B 228 1.63 -8.34 -1.32
C ASN B 228 2.05 -8.39 -2.79
N ARG B 229 1.56 -9.37 -3.55
CA ARG B 229 1.76 -9.32 -5.00
C ARG B 229 0.93 -8.21 -5.63
N TRP B 230 -0.33 -8.07 -5.18
CA TRP B 230 -1.27 -7.08 -5.69
C TRP B 230 -0.79 -5.66 -5.44
N MET B 231 -0.10 -5.43 -4.30
CA MET B 231 0.38 -4.09 -3.99
C MET B 231 1.30 -3.54 -5.07
N LYS B 232 1.95 -4.39 -5.86
CA LYS B 232 2.71 -3.87 -7.00
C LYS B 232 1.79 -3.15 -7.97
N THR B 233 0.62 -3.73 -8.24
CA THR B 233 -0.35 -3.06 -9.10
C THR B 233 -0.88 -1.79 -8.46
N VAL B 234 -1.12 -1.82 -7.14
CA VAL B 234 -1.59 -0.61 -6.46
C VAL B 234 -0.56 0.50 -6.61
N GLY B 235 0.72 0.16 -6.55
CA GLY B 235 1.75 1.16 -6.71
C GLY B 235 1.77 1.74 -8.10
N VAL B 236 1.44 0.92 -9.10
CA VAL B 236 1.35 1.42 -10.47
C VAL B 236 0.25 2.48 -10.56
N PHE B 237 -0.86 2.27 -9.86
CA PHE B 237 -1.93 3.27 -9.86
C PHE B 237 -1.47 4.58 -9.26
N MET B 238 -0.73 4.54 -8.14
CA MET B 238 -0.27 5.78 -7.51
C MET B 238 0.68 6.52 -8.43
N ASN B 239 1.55 5.77 -9.12
N ASN B 239 1.57 5.78 -9.12
CA ASN B 239 2.49 6.39 -10.05
CA ASN B 239 2.48 6.41 -10.06
C ASN B 239 1.78 6.94 -11.28
C ASN B 239 1.75 6.98 -11.26
N THR B 240 0.65 6.34 -11.67
CA THR B 240 -0.12 6.84 -12.80
C THR B 240 -0.90 8.09 -12.42
N TYR B 241 -1.38 8.14 -11.18
CA TYR B 241 -2.31 9.18 -10.77
C TYR B 241 -1.63 10.42 -10.21
N ALA B 242 -0.37 10.32 -9.80
CA ALA B 242 0.32 11.52 -9.31
C ALA B 242 0.41 12.58 -10.38
N PRO B 243 0.83 12.28 -11.62
CA PRO B 243 0.81 13.33 -12.66
C PRO B 243 -0.57 13.89 -12.95
N HIS B 244 -1.65 13.11 -12.73
CA HIS B 244 -2.99 13.67 -12.89
C HIS B 244 -3.22 14.81 -11.92
N VAL B 245 -2.88 14.59 -10.64
CA VAL B 245 -3.05 15.64 -9.64
C VAL B 245 -2.25 16.87 -10.02
N ASP B 246 -0.98 16.69 -10.40
CA ASP B 246 -0.12 17.81 -10.68
C ASP B 246 -0.56 18.57 -11.93
N ALA B 247 -1.19 17.89 -12.88
CA ALA B 247 -1.68 18.56 -14.09
C ALA B 247 -3.09 19.09 -13.95
N GLY B 248 -3.80 18.70 -12.88
CA GLY B 248 -5.21 19.03 -12.78
C GLY B 248 -6.04 18.45 -13.90
N HIS B 249 -5.68 17.25 -14.35
CA HIS B 249 -6.36 16.60 -15.47
C HIS B 249 -6.39 15.11 -15.19
N TYR B 250 -7.58 14.52 -15.24
CA TYR B 250 -7.83 13.22 -14.62
C TYR B 250 -8.48 12.23 -15.57
N PRO B 251 -7.79 11.86 -16.66
CA PRO B 251 -8.41 10.93 -17.63
C PRO B 251 -8.71 9.57 -17.02
N GLY B 252 -9.98 9.17 -17.10
CA GLY B 252 -10.43 7.94 -16.46
C GLY B 252 -9.99 6.68 -17.19
N ASP B 253 -9.99 6.71 -18.51
CA ASP B 253 -9.48 5.62 -19.36
C ASP B 253 -10.26 4.36 -18.99
N GLU B 254 -9.61 3.28 -18.59
CA GLU B 254 -10.29 2.01 -18.39
C GLU B 254 -10.74 1.79 -16.95
N PHE B 255 -10.61 2.80 -16.07
CA PHE B 255 -11.08 2.65 -14.69
C PHE B 255 -11.63 3.99 -14.21
N THR B 256 -12.89 4.26 -14.55
CA THR B 256 -13.51 5.53 -14.23
C THR B 256 -14.05 5.53 -12.80
N LEU B 257 -14.35 6.73 -12.32
CA LEU B 257 -15.01 6.86 -11.01
C LEU B 257 -16.36 6.17 -11.00
N HIS B 258 -17.05 6.12 -12.15
CA HIS B 258 -18.27 5.33 -12.26
C HIS B 258 -18.02 3.88 -11.86
N LEU B 259 -16.96 3.29 -12.40
CA LEU B 259 -16.64 1.89 -12.11
C LEU B 259 -16.13 1.73 -10.67
N HIS B 260 -15.37 2.71 -10.17
CA HIS B 260 -15.01 2.66 -8.75
C HIS B 260 -16.26 2.60 -7.89
N HIS B 261 -17.22 3.49 -8.16
CA HIS B 261 -18.42 3.56 -7.34
C HIS B 261 -19.23 2.27 -7.43
N ARG B 262 -19.39 1.73 -8.65
CA ARG B 262 -20.10 0.48 -8.83
C ARG B 262 -19.48 -0.64 -8.01
N THR B 263 -18.15 -0.76 -8.06
CA THR B 263 -17.53 -1.87 -7.36
C THR B 263 -17.42 -1.62 -5.86
N MET B 264 -17.38 -0.35 -5.45
CA MET B 264 -17.46 -0.05 -4.02
C MET B 264 -18.78 -0.50 -3.43
N ASN B 265 -19.86 -0.35 -4.19
CA ASN B 265 -21.15 -0.83 -3.72
C ASN B 265 -21.14 -2.34 -3.52
N ILE B 266 -20.48 -3.07 -4.42
CA ILE B 266 -20.33 -4.51 -4.23
C ILE B 266 -19.56 -4.79 -2.94
N LEU B 267 -18.47 -4.05 -2.70
CA LEU B 267 -17.72 -4.21 -1.46
C LEU B 267 -18.59 -3.92 -0.24
N ALA B 268 -19.41 -2.86 -0.31
CA ALA B 268 -20.28 -2.56 0.81
C ALA B 268 -21.25 -3.70 1.09
N HIS B 269 -21.82 -4.27 0.01
CA HIS B 269 -22.80 -5.33 0.16
C HIS B 269 -22.14 -6.59 0.72
N ALA B 270 -21.00 -6.99 0.13
CA ALA B 270 -20.28 -8.17 0.61
C ALA B 270 -19.91 -8.02 2.08
N SER B 271 -19.50 -6.81 2.47
CA SER B 271 -19.07 -6.60 3.85
C SER B 271 -20.23 -6.70 4.80
N GLU B 272 -21.39 -6.13 4.43
CA GLU B 272 -22.57 -6.22 5.29
C GLU B 272 -23.01 -7.67 5.47
N LEU B 273 -22.98 -8.46 4.39
CA LEU B 273 -23.38 -9.86 4.46
C LEU B 273 -22.50 -10.64 5.42
N ARG B 274 -21.22 -10.30 5.50
CA ARG B 274 -20.27 -11.01 6.34
C ARG B 274 -20.02 -10.33 7.67
N GLY B 275 -20.76 -9.27 7.99
CA GLY B 275 -20.55 -8.59 9.25
C GLY B 275 -19.20 -7.95 9.39
N VAL B 276 -18.65 -7.44 8.30
CA VAL B 276 -17.44 -6.64 8.36
C VAL B 276 -17.87 -5.18 8.39
N VAL B 277 -17.62 -4.51 9.51
CA VAL B 277 -18.09 -3.15 9.74
C VAL B 277 -16.85 -2.32 10.10
N SER B 278 -16.24 -1.69 9.09
CA SER B 278 -15.03 -0.90 9.28
C SER B 278 -15.23 0.58 9.01
N GLY B 279 -16.35 0.98 8.42
CA GLY B 279 -16.55 2.34 7.98
C GLY B 279 -15.90 2.68 6.65
N LEU B 280 -15.02 1.81 6.14
CA LEU B 280 -14.34 2.11 4.89
C LEU B 280 -15.29 2.15 3.70
N PRO B 281 -16.18 1.17 3.49
CA PRO B 281 -17.07 1.25 2.31
C PRO B 281 -17.91 2.51 2.27
N GLU B 282 -18.41 2.97 3.42
CA GLU B 282 -19.23 4.18 3.44
C GLU B 282 -18.39 5.41 3.13
N LEU B 283 -17.15 5.46 3.62
CA LEU B 283 -16.28 6.58 3.27
C LEU B 283 -16.04 6.60 1.77
N LEU B 284 -15.80 5.44 1.17
CA LEU B 284 -15.46 5.37 -0.24
C LEU B 284 -16.66 5.73 -1.12
N THR B 285 -17.83 5.16 -0.82
CA THR B 285 -19.01 5.43 -1.64
C THR B 285 -19.45 6.88 -1.52
N GLU B 286 -19.30 7.50 -0.34
CA GLU B 286 -19.71 8.89 -0.19
C GLU B 286 -18.81 9.82 -1.01
N LEU B 287 -17.52 9.52 -1.05
CA LEU B 287 -16.55 10.40 -1.70
C LEU B 287 -16.68 10.31 -3.21
N THR B 288 -16.64 9.09 -3.74
CA THR B 288 -16.85 8.92 -5.17
C THR B 288 -18.24 9.43 -5.58
N GLY B 289 -19.23 9.26 -4.70
CA GLY B 289 -20.55 9.75 -4.99
C GLY B 289 -20.57 11.26 -5.20
N ARG B 290 -19.84 12.00 -4.37
CA ARG B 290 -19.79 13.45 -4.50
C ARG B 290 -19.15 13.86 -5.84
N ALA B 291 -18.09 13.16 -6.25
CA ALA B 291 -17.45 13.48 -7.52
C ALA B 291 -18.34 13.13 -8.72
N ILE B 292 -19.12 12.05 -8.60
CA ILE B 292 -20.01 11.66 -9.69
C ILE B 292 -21.20 12.61 -9.79
N THR B 293 -21.72 13.05 -8.63
CA THR B 293 -22.78 14.05 -8.64
C THR B 293 -22.29 15.37 -9.25
N ALA B 294 -21.01 15.68 -9.07
CA ALA B 294 -20.42 16.88 -9.64
C ALA B 294 -20.14 16.77 -11.13
N GLY B 295 -20.30 15.59 -11.72
CA GLY B 295 -20.14 15.41 -13.14
C GLY B 295 -18.83 14.80 -13.59
N HIS B 296 -18.03 14.27 -12.66
CA HIS B 296 -16.69 13.77 -12.98
C HIS B 296 -16.62 12.25 -13.02
N GLY B 297 -17.75 11.57 -13.25
CA GLY B 297 -17.77 10.13 -13.18
C GLY B 297 -16.85 9.44 -14.17
N ASN B 298 -16.56 10.08 -15.30
CA ASN B 298 -15.65 9.50 -16.28
C ASN B 298 -14.18 9.73 -15.96
N ASP B 299 -13.86 10.42 -14.87
CA ASP B 299 -12.47 10.72 -14.54
C ASP B 299 -11.83 9.62 -13.69
N SER B 300 -10.52 9.75 -13.50
CA SER B 300 -9.74 8.83 -12.69
C SER B 300 -9.92 9.10 -11.20
N TYR B 301 -9.40 8.17 -10.40
CA TYR B 301 -9.45 8.30 -8.94
C TYR B 301 -8.77 9.58 -8.49
N ALA B 302 -7.79 10.07 -9.25
CA ALA B 302 -7.06 11.27 -8.86
C ALA B 302 -7.97 12.48 -8.74
N ARG B 303 -9.09 12.49 -9.48
CA ARG B 303 -10.02 13.61 -9.38
C ARG B 303 -10.51 13.81 -7.95
N LEU B 304 -10.52 12.75 -7.13
CA LEU B 304 -11.01 12.87 -5.76
C LEU B 304 -10.14 13.77 -4.89
N VAL B 305 -8.92 14.12 -5.32
CA VAL B 305 -8.12 15.05 -4.53
C VAL B 305 -8.85 16.37 -4.37
N GLU B 306 -9.64 16.76 -5.36
CA GLU B 306 -10.38 18.01 -5.30
C GLU B 306 -11.54 17.94 -4.32
N PHE B 307 -11.91 16.74 -3.87
CA PHE B 307 -13.04 16.59 -2.97
C PHE B 307 -12.62 16.33 -1.53
N ILE B 308 -11.32 16.34 -1.26
CA ILE B 308 -10.82 16.28 0.11
C ILE B 308 -9.98 17.48 0.49
N ARG B 309 -9.63 18.35 -0.46
CA ARG B 309 -8.81 19.52 -0.15
C ARG B 309 -9.64 20.80 -0.22
PA NAP C . -19.14 -7.00 -20.51
O1A NAP C . -20.27 -6.11 -20.85
O2A NAP C . -19.10 -7.21 -18.91
O5B NAP C . -19.43 -8.44 -21.17
C5B NAP C . -19.56 -8.33 -22.58
C4B NAP C . -19.65 -9.74 -23.16
O4B NAP C . -20.71 -10.49 -22.57
C3B NAP C . -19.93 -9.69 -24.69
O3B NAP C . -19.20 -10.74 -25.33
C2B NAP C . -21.46 -9.97 -24.75
O2B NAP C . -21.86 -10.61 -25.97
C1B NAP C . -21.52 -11.04 -23.63
N9A NAP C . -22.87 -11.33 -23.17
C8A NAP C . -23.67 -10.58 -22.35
N7A NAP C . -24.80 -11.17 -22.16
C5A NAP C . -24.82 -12.34 -22.83
C6A NAP C . -25.76 -13.38 -22.98
N6A NAP C . -26.99 -13.31 -22.35
N1A NAP C . -25.43 -14.42 -23.73
C2A NAP C . -24.25 -14.49 -24.33
N3A NAP C . -23.35 -13.54 -24.22
C4A NAP C . -23.58 -12.47 -23.47
O3 NAP C . -17.81 -6.29 -21.09
PN NAP C . -16.38 -6.96 -20.70
O1N NAP C . -15.31 -5.85 -20.62
O2N NAP C . -16.02 -8.00 -21.79
O5D NAP C . -16.43 -7.70 -19.26
C5D NAP C . -16.35 -9.12 -19.45
C4D NAP C . -16.22 -9.77 -18.06
O4D NAP C . -14.90 -9.48 -17.52
C3D NAP C . -17.25 -9.20 -17.06
O3D NAP C . -17.76 -10.24 -16.21
C2D NAP C . -16.41 -8.20 -16.24
O2D NAP C . -17.00 -7.96 -14.95
C1D NAP C . -15.05 -8.94 -16.19
N1N NAP C . -13.98 -7.98 -15.92
C2N NAP C . -13.94 -6.90 -16.66
C3N NAP C . -12.95 -5.94 -16.42
C7N NAP C . -12.92 -4.73 -17.25
O7N NAP C . -12.40 -3.74 -16.79
N7N NAP C . -13.47 -4.72 -18.49
C4N NAP C . -12.00 -6.17 -15.41
C5N NAP C . -12.08 -7.34 -14.67
C6N NAP C . -13.11 -8.22 -14.97
P2B NAP C . -22.38 -9.56 -27.09
O1X NAP C . -21.26 -8.91 -27.80
O2X NAP C . -23.27 -10.42 -28.11
O3X NAP C . -23.26 -8.41 -26.40
C1 EDO D . -7.77 -2.89 -11.78
O1 EDO D . -6.42 -3.29 -11.51
C2 EDO D . -8.70 -3.52 -10.75
O2 EDO D . -9.05 -4.84 -11.16
I IOD E . 2.35 6.44 23.28
I IOD F . 2.38 23.80 11.20
I IOD F . 1.36 23.25 9.29
I IOD G . -22.26 -14.83 -1.43
CL CL H . -3.87 -28.96 -26.98
CL CL I . -10.21 -30.96 -28.47
C1 GOL J . 12.55 22.76 -1.98
O1 GOL J . 13.45 21.71 -2.18
C2 GOL J . 12.83 23.76 -3.11
O2 GOL J . 14.17 24.12 -3.24
C3 GOL J . 11.87 24.95 -2.93
O3 GOL J . 12.32 25.66 -1.79
PA NAP K . 11.36 10.04 24.01
O1A NAP K . 10.56 9.83 25.27
O2A NAP K . 10.37 10.62 22.87
O5B NAP K . 12.53 11.11 24.27
C5B NAP K . 13.34 10.72 25.39
C4B NAP K . 14.59 11.59 25.36
O4B NAP K . 14.27 13.00 25.42
C3B NAP K . 15.48 11.29 26.59
O3B NAP K . 16.85 11.43 26.20
C2B NAP K . 15.06 12.41 27.57
O2B NAP K . 16.12 12.74 28.46
C1B NAP K . 14.99 13.56 26.52
N9A NAP K . 14.29 14.74 27.03
C8A NAP K . 12.95 14.89 27.24
N7A NAP K . 12.72 16.09 27.70
C5A NAP K . 13.90 16.76 27.81
C6A NAP K . 14.28 18.04 28.25
N6A NAP K . 13.33 18.96 28.67
N1A NAP K . 15.58 18.35 28.22
C2A NAP K . 16.49 17.49 27.81
N3A NAP K . 16.19 16.29 27.39
C4A NAP K . 14.91 15.89 27.39
O3 NAP K . 11.92 8.57 23.66
PN NAP K . 12.63 8.29 22.22
O1N NAP K . 12.24 6.84 21.83
O2N NAP K . 14.15 8.39 22.41
O5D NAP K . 12.08 9.25 21.05
C5D NAP K . 12.98 10.34 20.86
C4D NAP K . 12.54 11.05 19.57
O4D NAP K . 12.54 10.10 18.47
C3D NAP K . 11.09 11.59 19.73
O3D NAP K . 10.97 12.90 19.16
C2D NAP K . 10.28 10.54 18.93
O2D NAP K . 9.02 11.06 18.46
C1D NAP K . 11.27 10.25 17.77
N1N NAP K . 10.89 9.02 17.10
C2N NAP K . 10.73 7.94 17.85
C3N NAP K . 10.35 6.74 17.26
C7N NAP K . 10.20 5.53 18.10
O7N NAP K . 9.59 4.58 17.66
N7N NAP K . 10.75 5.50 19.33
C4N NAP K . 10.14 6.69 15.87
C5N NAP K . 10.31 7.85 15.14
C6N NAP K . 10.68 9.00 15.80
P2B NAP K . 15.99 12.01 29.92
O1X NAP K . 16.47 10.61 29.81
O2X NAP K . 16.93 12.88 30.89
O3X NAP K . 14.45 12.07 30.39
C1 EDO L . 7.59 4.99 12.88
O1 EDO L . 7.00 6.26 13.18
C2 EDO L . 7.02 4.46 11.57
O2 EDO L . 7.02 3.03 11.58
C1 EDO M . 34.02 8.49 20.76
O1 EDO M . 34.93 9.58 20.92
C2 EDO M . 34.74 7.22 20.34
O2 EDO M . 33.77 6.27 19.88
C1 EDO N . 16.34 26.36 19.57
O1 EDO N . 16.74 27.49 20.36
C2 EDO N . 14.83 26.33 19.43
O2 EDO N . 14.36 25.01 19.07
C1 BME O . 36.46 15.76 12.22
C2 BME O . 35.56 14.52 12.32
O1 BME O . 36.80 16.21 13.53
S2 BME O . 34.86 13.93 10.75
I IOD P . -19.64 1.32 -14.62
CL CL Q . 35.16 19.18 16.10
CL CL R . 6.83 20.86 21.71
CL CL S . -3.22 19.11 -3.61
#